data_1N4X
#
_entry.id   1N4X
#
_cell.length_a   126.930
_cell.length_b   61.210
_cell.length_c   57.300
_cell.angle_alpha   90.00
_cell.angle_beta   90.00
_cell.angle_gamma   90.00
#
_symmetry.space_group_name_H-M   'P 21 21 21'
#
loop_
_entity.id
_entity.type
_entity.pdbx_description
1 polymer 'immunoglobulin kappa chain variable region'
2 polymer 'immunoglobulin heavy chain variable region'
3 non-polymer 'CHLORIDE ION'
4 water water
#
loop_
_entity_poly.entity_id
_entity_poly.type
_entity_poly.pdbx_seq_one_letter_code
_entity_poly.pdbx_strand_id
1 'polypeptide(L)'
;MDILMTQTPLYLPVSLGDQASISCRSSQTIVHNNGNTYLEWYLQKPGQSPQLLIYKVSNRFSGVPDRFSGSGSGTDFTLK
ISRVEAEDLGIYYCFQGSHFPPTFGGGTKLEIA
;
L,M
2 'polypeptide(L)'
;EVQLQQSGPELKKPGETVKISCKATNYAFTDYSMHWVKQAPGGDLKYVGWINTETDEPTFADDFKGRFAFSLDTSTSTAF
LQINNLKNEDTATYFCVRDRHDYGEIFTYWGQGTTVTVSA
;
H,I
#
loop_
_chem_comp.id
_chem_comp.type
_chem_comp.name
_chem_comp.formula
CL non-polymer 'CHLORIDE ION' 'Cl -1'
#
# COMPACT_ATOMS: atom_id res chain seq x y z
N MET A 1 22.68 9.53 -4.99
CA MET A 1 22.10 8.89 -6.20
C MET A 1 22.31 7.38 -6.14
N ASP A 2 21.36 6.68 -5.53
CA ASP A 2 21.45 5.22 -5.42
C ASP A 2 20.22 4.52 -5.98
N ILE A 3 19.06 4.77 -5.39
CA ILE A 3 17.84 4.12 -5.88
C ILE A 3 17.36 4.80 -7.14
N LEU A 4 17.53 4.12 -8.28
CA LEU A 4 17.12 4.63 -9.57
C LEU A 4 15.60 4.63 -9.73
N MET A 5 15.07 5.75 -10.19
CA MET A 5 13.65 5.90 -10.42
C MET A 5 13.51 6.11 -11.94
N THR A 6 12.89 5.15 -12.61
CA THR A 6 12.71 5.22 -14.05
C THR A 6 11.25 5.46 -14.39
N GLN A 7 10.99 6.50 -15.20
CA GLN A 7 9.63 6.83 -15.59
C GLN A 7 9.29 6.41 -17.01
N THR A 8 8.02 6.08 -17.21
CA THR A 8 7.52 5.66 -18.51
C THR A 8 6.14 6.26 -18.70
N PRO A 9 5.93 6.99 -19.81
CA PRO A 9 6.89 7.27 -20.89
C PRO A 9 7.64 8.56 -20.59
N LEU A 10 8.72 8.80 -21.33
CA LEU A 10 9.52 10.00 -21.14
C LEU A 10 8.85 11.22 -21.77
N TYR A 11 8.07 10.97 -22.82
CA TYR A 11 7.36 12.04 -23.53
C TYR A 11 5.90 11.64 -23.67
N LEU A 12 5.02 12.48 -23.17
CA LEU A 12 3.60 12.18 -23.21
C LEU A 12 2.77 13.22 -23.96
N PRO A 13 2.78 13.15 -25.30
CA PRO A 13 2.00 14.12 -26.08
C PRO A 13 0.53 13.72 -25.99
N VAL A 14 -0.30 14.62 -25.47
CA VAL A 14 -1.73 14.35 -25.33
C VAL A 14 -2.61 15.48 -25.83
N SER A 15 -3.92 15.29 -25.69
CA SER A 15 -4.91 16.27 -26.12
C SER A 15 -5.92 16.50 -24.99
N LEU A 16 -6.34 17.75 -24.84
CA LEU A 16 -7.30 18.12 -23.79
C LEU A 16 -8.42 17.09 -23.63
N GLY A 17 -8.87 16.92 -22.39
CA GLY A 17 -9.94 15.98 -22.12
C GLY A 17 -9.54 14.52 -22.03
N ASP A 18 -8.46 14.15 -22.71
CA ASP A 18 -8.00 12.76 -22.71
C ASP A 18 -7.38 12.38 -21.36
N GLN A 19 -7.29 11.07 -21.11
CA GLN A 19 -6.70 10.59 -19.86
C GLN A 19 -5.19 10.53 -20.03
N ALA A 20 -4.47 10.46 -18.91
CA ALA A 20 -3.02 10.39 -18.95
C ALA A 20 -2.51 9.47 -17.84
N SER A 21 -1.48 8.71 -18.14
CA SER A 21 -0.89 7.79 -17.16
C SER A 21 0.62 7.84 -17.21
N ILE A 22 1.23 7.94 -16.04
CA ILE A 22 2.68 7.99 -15.93
C ILE A 22 3.15 6.92 -14.96
N SER A 23 4.08 6.09 -15.41
CA SER A 23 4.61 5.01 -14.61
C SER A 23 5.98 5.36 -14.03
N CYS A 24 6.28 4.81 -12.86
CA CYS A 24 7.56 5.06 -12.19
C CYS A 24 8.00 3.75 -11.56
N ARG A 25 9.19 3.28 -11.93
CA ARG A 25 9.71 2.04 -11.38
C ARG A 25 10.99 2.31 -10.62
N SER A 26 11.04 1.86 -9.38
CA SER A 26 12.24 2.04 -8.56
C SER A 26 13.10 0.80 -8.64
N SER A 27 14.42 0.98 -8.55
CA SER A 27 15.35 -0.14 -8.64
C SER A 27 15.34 -0.99 -7.38
N GLN A 28 14.72 -0.50 -6.33
CA GLN A 28 14.63 -1.20 -5.06
C GLN A 28 13.30 -0.84 -4.42
N THR A 29 12.89 -1.57 -3.40
CA THR A 29 11.65 -1.25 -2.71
C THR A 29 11.94 0.05 -1.96
N ILE A 30 10.89 0.81 -1.67
CA ILE A 30 11.05 2.09 -0.99
C ILE A 30 10.14 2.29 0.22
N VAL A 31 10.23 1.36 1.17
CA VAL A 31 9.46 1.45 2.39
C VAL A 31 10.41 1.94 3.47
N HIS A 32 10.02 3.02 4.15
CA HIS A 32 10.85 3.59 5.20
C HIS A 32 10.86 2.64 6.39
N ASN A 33 11.89 2.72 7.21
CA ASN A 33 12.01 1.86 8.39
C ASN A 33 10.78 1.96 9.28
N ASN A 34 10.00 3.02 9.10
CA ASN A 34 8.79 3.23 9.89
C ASN A 34 7.55 2.66 9.21
N GLY A 35 7.77 1.89 8.15
CA GLY A 35 6.65 1.28 7.45
C GLY A 35 5.93 2.10 6.40
N ASN A 36 6.25 3.39 6.28
CA ASN A 36 5.59 4.22 5.27
C ASN A 36 6.39 4.24 3.97
N THR A 37 5.68 4.38 2.85
CA THR A 37 6.31 4.45 1.53
C THR A 37 6.21 5.89 1.03
N TYR A 38 7.28 6.64 1.20
CA TYR A 38 7.29 8.04 0.77
C TYR A 38 7.52 8.24 -0.72
N LEU A 39 6.51 7.92 -1.50
CA LEU A 39 6.54 8.07 -2.95
C LEU A 39 5.66 9.28 -3.27
N GLU A 40 6.26 10.33 -3.82
CA GLU A 40 5.50 11.53 -4.17
C GLU A 40 5.59 11.82 -5.66
N TRP A 41 4.60 12.54 -6.18
CA TRP A 41 4.62 12.95 -7.57
C TRP A 41 4.62 14.47 -7.52
N TYR A 42 5.42 15.07 -8.40
CA TYR A 42 5.49 16.52 -8.49
C TYR A 42 5.23 16.93 -9.93
N LEU A 43 4.70 18.14 -10.06
CA LEU A 43 4.44 18.71 -11.37
C LEU A 43 5.14 20.06 -11.40
N GLN A 44 5.90 20.29 -12.46
CA GLN A 44 6.58 21.56 -12.61
C GLN A 44 6.02 22.19 -13.87
N LYS A 45 5.15 23.18 -13.68
CA LYS A 45 4.55 23.88 -14.80
C LYS A 45 5.61 24.78 -15.42
N PRO A 46 5.46 25.11 -16.71
CA PRO A 46 6.43 25.97 -17.38
C PRO A 46 6.63 27.29 -16.65
N GLY A 47 7.89 27.63 -16.38
CA GLY A 47 8.19 28.87 -15.69
C GLY A 47 7.94 28.82 -14.20
N GLN A 48 7.74 27.62 -13.67
CA GLN A 48 7.50 27.46 -12.23
C GLN A 48 8.40 26.41 -11.62
N SER A 49 8.39 26.36 -10.29
CA SER A 49 9.19 25.36 -9.58
C SER A 49 8.26 24.17 -9.36
N PRO A 50 8.83 22.98 -9.13
CA PRO A 50 8.00 21.80 -8.90
C PRO A 50 7.03 22.01 -7.75
N GLN A 51 5.86 21.39 -7.83
CA GLN A 51 4.90 21.47 -6.76
C GLN A 51 4.39 20.07 -6.49
N LEU A 52 4.16 19.78 -5.22
CA LEU A 52 3.70 18.46 -4.79
C LEU A 52 2.24 18.19 -5.18
N LEU A 53 2.01 17.02 -5.79
CA LEU A 53 0.66 16.63 -6.21
C LEU A 53 0.13 15.47 -5.37
N ILE A 54 0.96 14.45 -5.20
CA ILE A 54 0.62 13.24 -4.44
C ILE A 54 1.76 12.87 -3.50
N TYR A 55 1.43 12.48 -2.28
CA TYR A 55 2.45 12.06 -1.31
C TYR A 55 1.99 10.74 -0.70
N LYS A 56 2.93 9.97 -0.16
CA LYS A 56 2.58 8.69 0.44
C LYS A 56 1.87 7.80 -0.57
N VAL A 57 2.38 7.80 -1.80
CA VAL A 57 1.85 7.00 -2.90
C VAL A 57 0.51 7.42 -3.49
N SER A 58 -0.48 7.69 -2.64
CA SER A 58 -1.80 8.03 -3.17
C SER A 58 -2.55 9.18 -2.52
N ASN A 59 -1.94 9.89 -1.58
CA ASN A 59 -2.62 11.01 -0.94
C ASN A 59 -2.46 12.32 -1.72
N ARG A 60 -3.60 12.91 -2.12
CA ARG A 60 -3.56 14.16 -2.86
C ARG A 60 -3.20 15.30 -1.91
N PHE A 61 -2.34 16.21 -2.37
CA PHE A 61 -1.92 17.34 -1.57
C PHE A 61 -3.04 18.39 -1.60
N SER A 62 -2.94 19.40 -0.74
CA SER A 62 -3.94 20.46 -0.67
C SER A 62 -4.14 21.18 -2.00
N GLY A 63 -5.39 21.38 -2.37
CA GLY A 63 -5.71 22.07 -3.60
C GLY A 63 -5.52 21.28 -4.88
N VAL A 64 -5.04 20.05 -4.76
CA VAL A 64 -4.84 19.22 -5.95
C VAL A 64 -6.17 18.66 -6.42
N PRO A 65 -6.51 18.91 -7.70
CA PRO A 65 -7.77 18.43 -8.30
C PRO A 65 -7.94 16.93 -8.13
N ASP A 66 -9.19 16.48 -8.05
CA ASP A 66 -9.47 15.05 -7.90
C ASP A 66 -9.11 14.26 -9.16
N ARG A 67 -8.82 14.96 -10.24
CA ARG A 67 -8.45 14.31 -11.50
C ARG A 67 -7.10 13.63 -11.36
N PHE A 68 -6.37 13.99 -10.29
CA PHE A 68 -5.06 13.40 -10.04
C PHE A 68 -5.15 12.31 -9.00
N SER A 69 -4.64 11.12 -9.34
CA SER A 69 -4.67 10.01 -8.40
C SER A 69 -3.40 9.19 -8.55
N GLY A 70 -2.96 8.57 -7.46
CA GLY A 70 -1.76 7.75 -7.50
C GLY A 70 -1.95 6.36 -6.92
N SER A 71 -1.20 5.40 -7.45
CA SER A 71 -1.28 4.01 -6.99
C SER A 71 0.11 3.37 -7.14
N GLY A 72 0.27 2.13 -6.69
CA GLY A 72 1.58 1.50 -6.82
C GLY A 72 1.88 0.43 -5.80
N SER A 73 2.67 -0.56 -6.22
CA SER A 73 3.04 -1.68 -5.36
C SER A 73 4.37 -1.48 -4.63
N GLY A 74 5.33 -2.37 -4.91
CA GLY A 74 6.62 -2.29 -4.27
C GLY A 74 7.62 -1.45 -5.04
N THR A 75 7.80 -1.75 -6.33
CA THR A 75 8.72 -0.99 -7.16
C THR A 75 8.06 -0.37 -8.39
N ASP A 76 6.74 -0.45 -8.45
CA ASP A 76 6.02 0.14 -9.58
C ASP A 76 4.86 1.00 -9.11
N PHE A 77 4.94 2.29 -9.39
CA PHE A 77 3.90 3.23 -8.99
C PHE A 77 3.34 3.98 -10.21
N THR A 78 2.08 4.40 -10.12
CA THR A 78 1.45 5.07 -11.24
C THR A 78 0.68 6.35 -10.89
N LEU A 79 0.86 7.37 -11.73
CA LEU A 79 0.14 8.63 -11.56
C LEU A 79 -0.86 8.71 -12.72
N LYS A 80 -2.12 8.91 -12.39
CA LYS A 80 -3.13 9.01 -13.43
C LYS A 80 -3.88 10.34 -13.41
N ILE A 81 -4.18 10.83 -14.61
CA ILE A 81 -4.93 12.08 -14.78
C ILE A 81 -6.15 11.73 -15.60
N SER A 82 -7.30 11.68 -14.96
CA SER A 82 -8.56 11.32 -15.62
C SER A 82 -8.78 12.14 -16.88
N ARG A 83 -8.80 13.46 -16.74
CA ARG A 83 -8.99 14.35 -17.88
C ARG A 83 -7.91 15.44 -17.87
N VAL A 84 -7.11 15.47 -18.92
CA VAL A 84 -6.04 16.45 -19.02
C VAL A 84 -6.52 17.84 -19.40
N GLU A 85 -6.14 18.83 -18.59
CA GLU A 85 -6.52 20.22 -18.83
C GLU A 85 -5.28 21.03 -19.21
N ALA A 86 -5.49 22.16 -19.86
CA ALA A 86 -4.40 23.01 -20.30
C ALA A 86 -3.44 23.37 -19.17
N GLU A 87 -3.95 23.45 -17.96
CA GLU A 87 -3.11 23.81 -16.82
C GLU A 87 -2.29 22.64 -16.29
N ASP A 88 -2.37 21.49 -16.98
CA ASP A 88 -1.62 20.30 -16.57
C ASP A 88 -0.32 20.18 -17.33
N LEU A 89 -0.13 21.02 -18.33
CA LEU A 89 1.09 21.01 -19.12
C LEU A 89 2.29 21.18 -18.21
N GLY A 90 3.37 20.48 -18.52
CA GLY A 90 4.57 20.58 -17.71
C GLY A 90 5.31 19.27 -17.61
N ILE A 91 6.23 19.20 -16.65
CA ILE A 91 7.01 17.99 -16.46
C ILE A 91 6.66 17.35 -15.12
N TYR A 92 6.38 16.05 -15.16
CA TYR A 92 6.02 15.30 -13.97
C TYR A 92 7.20 14.47 -13.50
N TYR A 93 7.40 14.45 -12.18
CA TYR A 93 8.51 13.71 -11.60
C TYR A 93 8.03 12.83 -10.46
N CYS A 94 8.52 11.60 -10.37
CA CYS A 94 8.18 10.81 -9.20
C CYS A 94 9.38 11.03 -8.29
N PHE A 95 9.21 10.72 -7.01
CA PHE A 95 10.26 10.96 -6.02
C PHE A 95 10.13 10.02 -4.84
N GLN A 96 11.26 9.51 -4.35
CA GLN A 96 11.22 8.64 -3.16
C GLN A 96 12.07 9.30 -2.08
N GLY A 97 11.49 9.43 -0.89
CA GLY A 97 12.19 10.02 0.23
C GLY A 97 12.20 9.00 1.35
N SER A 98 12.16 7.72 0.96
CA SER A 98 12.15 6.62 1.92
C SER A 98 13.55 6.21 2.32
N HIS A 99 14.49 6.25 1.38
CA HIS A 99 15.87 5.87 1.65
C HIS A 99 16.84 6.96 1.20
N PHE A 100 17.86 7.19 2.01
CA PHE A 100 18.83 8.22 1.67
C PHE A 100 19.84 7.73 0.63
N PRO A 101 20.16 8.57 -0.36
CA PRO A 101 19.62 9.92 -0.56
C PRO A 101 18.29 9.91 -1.31
N PRO A 102 17.41 10.88 -1.04
CA PRO A 102 16.12 10.92 -1.75
C PRO A 102 16.43 11.04 -3.23
N THR A 103 15.65 10.37 -4.07
CA THR A 103 15.91 10.44 -5.51
C THR A 103 14.66 10.74 -6.33
N PHE A 104 14.87 11.36 -7.49
CA PHE A 104 13.80 11.73 -8.41
C PHE A 104 13.88 10.96 -9.71
N GLY A 105 12.75 10.81 -10.37
CA GLY A 105 12.72 10.16 -11.66
C GLY A 105 13.24 11.22 -12.61
N GLY A 106 13.58 10.83 -13.83
CA GLY A 106 14.11 11.78 -14.80
C GLY A 106 13.13 12.77 -15.39
N GLY A 107 11.84 12.55 -15.13
CA GLY A 107 10.83 13.46 -15.64
C GLY A 107 10.12 13.00 -16.91
N THR A 108 8.81 13.23 -16.93
CA THR A 108 7.95 12.90 -18.07
C THR A 108 7.34 14.21 -18.54
N LYS A 109 7.53 14.54 -19.81
CA LYS A 109 6.99 15.78 -20.36
C LYS A 109 5.61 15.61 -20.95
N LEU A 110 4.61 16.24 -20.33
CA LEU A 110 3.24 16.18 -20.81
C LEU A 110 3.03 17.40 -21.69
N GLU A 111 2.84 17.19 -22.98
CA GLU A 111 2.64 18.28 -23.91
C GLU A 111 1.35 18.06 -24.70
N ILE A 112 0.50 19.08 -24.77
CA ILE A 112 -0.75 18.93 -25.50
C ILE A 112 -0.55 19.30 -26.96
N ALA A 113 -0.68 18.31 -27.83
CA ALA A 113 -0.52 18.49 -29.27
C ALA A 113 -0.83 17.19 -29.98
N GLU B 1 1.34 30.47 4.60
CA GLU B 1 1.92 30.89 3.30
C GLU B 1 3.45 30.93 3.36
N VAL B 2 4.07 29.77 3.36
CA VAL B 2 5.52 29.67 3.40
C VAL B 2 6.08 30.25 2.10
N GLN B 3 7.14 31.04 2.21
CA GLN B 3 7.76 31.62 1.04
C GLN B 3 9.26 31.45 1.07
N LEU B 4 9.82 30.97 -0.04
CA LEU B 4 11.27 30.79 -0.13
C LEU B 4 11.68 31.61 -1.34
N GLN B 5 12.39 32.71 -1.09
CA GLN B 5 12.84 33.62 -2.14
C GLN B 5 14.33 33.46 -2.39
N GLN B 6 14.69 33.10 -3.62
CA GLN B 6 16.10 32.92 -3.94
C GLN B 6 16.66 34.10 -4.71
N SER B 7 17.99 34.18 -4.74
CA SER B 7 18.66 35.27 -5.45
C SER B 7 18.54 35.08 -6.96
N GLY B 8 18.89 36.12 -7.70
CA GLY B 8 18.78 36.09 -9.14
C GLY B 8 19.76 35.20 -9.87
N PRO B 9 19.54 34.99 -11.18
CA PRO B 9 20.41 34.15 -12.02
C PRO B 9 21.84 34.66 -12.03
N GLU B 10 22.78 33.73 -12.21
CA GLU B 10 24.19 34.08 -12.23
C GLU B 10 24.87 33.57 -13.49
N LEU B 11 25.68 34.43 -14.08
CA LEU B 11 26.44 34.08 -15.28
C LEU B 11 27.87 34.19 -14.81
N LYS B 12 28.52 33.03 -14.65
CA LYS B 12 29.88 32.99 -14.13
C LYS B 12 30.90 32.36 -15.06
N LYS B 13 32.16 32.76 -14.88
CA LYS B 13 33.25 32.23 -15.69
C LYS B 13 33.79 31.03 -14.92
N PRO B 14 34.34 30.04 -15.64
CA PRO B 14 34.88 28.85 -14.97
C PRO B 14 35.93 29.21 -13.92
N GLY B 15 35.95 28.45 -12.83
CA GLY B 15 36.90 28.69 -11.77
C GLY B 15 36.46 29.71 -10.73
N GLU B 16 35.42 30.48 -11.06
CA GLU B 16 34.93 31.48 -10.13
C GLU B 16 34.04 30.86 -9.06
N THR B 17 33.61 31.68 -8.11
CA THR B 17 32.76 31.20 -7.03
C THR B 17 31.39 31.85 -7.14
N VAL B 18 30.36 31.13 -6.75
CA VAL B 18 29.01 31.69 -6.79
C VAL B 18 28.35 31.36 -5.45
N LYS B 19 27.59 32.31 -4.91
CA LYS B 19 26.90 32.11 -3.65
C LYS B 19 25.44 32.46 -3.84
N ILE B 20 24.60 31.44 -3.73
CA ILE B 20 23.16 31.55 -3.90
C ILE B 20 22.47 31.70 -2.55
N SER B 21 21.49 32.57 -2.47
CA SER B 21 20.78 32.76 -1.21
C SER B 21 19.34 32.31 -1.32
N CYS B 22 18.76 31.94 -0.18
CA CYS B 22 17.38 31.51 -0.10
C CYS B 22 16.80 32.11 1.18
N LYS B 23 15.96 33.14 1.00
CA LYS B 23 15.34 33.86 2.11
C LYS B 23 14.01 33.21 2.47
N ALA B 24 13.90 32.75 3.71
CA ALA B 24 12.68 32.09 4.17
C ALA B 24 11.80 33.07 4.95
N THR B 25 10.48 32.99 4.74
CA THR B 25 9.56 33.85 5.44
C THR B 25 8.29 33.11 5.85
N ASN B 26 7.68 33.57 6.95
CA ASN B 26 6.45 33.01 7.47
C ASN B 26 6.54 31.68 8.19
N TYR B 27 7.69 31.42 8.81
CA TYR B 27 7.91 30.20 9.58
C TYR B 27 9.25 30.36 10.27
N ALA B 28 9.46 29.66 11.38
CA ALA B 28 10.72 29.76 12.11
C ALA B 28 11.81 29.00 11.37
N PHE B 29 12.72 29.78 10.79
CA PHE B 29 13.83 29.26 10.02
C PHE B 29 14.54 28.06 10.67
N THR B 30 14.80 28.17 11.96
CA THR B 30 15.52 27.13 12.68
C THR B 30 14.72 25.89 13.05
N ASP B 31 13.44 25.85 12.68
CA ASP B 31 12.61 24.69 13.00
C ASP B 31 12.62 23.64 11.89
N TYR B 32 13.08 24.04 10.71
CA TYR B 32 13.12 23.11 9.57
C TYR B 32 14.45 23.14 8.85
N SER B 33 14.88 21.96 8.39
CA SER B 33 16.13 21.86 7.67
C SER B 33 15.91 22.48 6.29
N MET B 34 16.97 22.93 5.65
CA MET B 34 16.81 23.46 4.31
C MET B 34 17.48 22.48 3.35
N HIS B 35 16.75 22.04 2.34
CA HIS B 35 17.31 21.13 1.37
C HIS B 35 17.64 21.88 0.10
N TRP B 36 18.54 21.30 -0.68
CA TRP B 36 18.95 21.90 -1.96
C TRP B 36 18.90 20.84 -3.03
N VAL B 37 18.33 21.20 -4.17
CA VAL B 37 18.20 20.28 -5.30
C VAL B 37 18.80 20.94 -6.53
N LYS B 38 19.46 20.13 -7.37
CA LYS B 38 20.07 20.62 -8.60
C LYS B 38 19.24 20.14 -9.77
N GLN B 39 18.79 21.08 -10.61
CA GLN B 39 18.02 20.69 -11.79
C GLN B 39 18.91 20.97 -12.98
N ALA B 40 19.38 19.91 -13.61
CA ALA B 40 20.27 20.04 -14.75
C ALA B 40 19.51 20.32 -16.03
N PRO B 41 20.21 20.85 -17.05
CA PRO B 41 19.55 21.14 -18.33
C PRO B 41 18.91 19.82 -18.72
N GLY B 42 17.67 19.86 -19.20
CA GLY B 42 16.98 18.64 -19.55
C GLY B 42 15.89 18.36 -18.54
N GLY B 43 16.07 18.86 -17.32
CA GLY B 43 15.07 18.68 -16.30
C GLY B 43 15.35 17.69 -15.17
N ASP B 44 16.41 16.91 -15.28
CA ASP B 44 16.71 15.94 -14.23
C ASP B 44 16.96 16.63 -12.90
N LEU B 45 16.42 16.06 -11.82
CA LEU B 45 16.59 16.62 -10.48
C LEU B 45 17.49 15.73 -9.65
N LYS B 46 18.50 16.32 -9.04
CA LYS B 46 19.45 15.59 -8.19
C LYS B 46 19.52 16.24 -6.83
N TYR B 47 19.41 15.43 -5.78
CA TYR B 47 19.48 15.95 -4.41
C TYR B 47 20.92 16.31 -4.09
N VAL B 48 21.15 17.52 -3.58
CA VAL B 48 22.49 17.97 -3.24
C VAL B 48 22.77 17.64 -1.77
N GLY B 49 21.82 17.97 -0.91
CA GLY B 49 21.95 17.71 0.51
C GLY B 49 21.10 18.64 1.33
N TRP B 50 21.37 18.70 2.63
CA TRP B 50 20.59 19.57 3.49
C TRP B 50 21.45 20.15 4.59
N ILE B 51 20.98 21.26 5.16
CA ILE B 51 21.68 21.88 6.28
C ILE B 51 20.71 21.93 7.46
N ASN B 52 21.21 21.53 8.61
CA ASN B 52 20.42 21.55 9.83
C ASN B 52 20.49 23.03 10.23
N THR B 53 19.33 23.68 10.24
CA THR B 53 19.28 25.10 10.55
C THR B 53 19.41 25.45 12.02
N GLU B 54 19.27 24.45 12.88
CA GLU B 54 19.40 24.67 14.32
C GLU B 54 20.84 24.48 14.77
N THR B 55 21.53 23.54 14.13
CA THR B 55 22.93 23.25 14.47
C THR B 55 23.95 23.75 13.44
N ASP B 56 23.46 24.15 12.27
CA ASP B 56 24.32 24.63 11.19
C ASP B 56 25.29 23.57 10.70
N GLU B 57 24.82 22.31 10.68
CA GLU B 57 25.64 21.20 10.22
C GLU B 57 25.08 20.71 8.88
N PRO B 58 25.95 20.58 7.87
CA PRO B 58 25.57 20.12 6.53
C PRO B 58 25.73 18.62 6.32
N THR B 59 24.92 18.10 5.40
CA THR B 59 24.98 16.69 5.02
C THR B 59 24.78 16.70 3.51
N PHE B 60 25.74 16.13 2.79
CA PHE B 60 25.69 16.10 1.33
C PHE B 60 25.43 14.72 0.76
N ALA B 61 24.94 14.71 -0.48
CA ALA B 61 24.65 13.48 -1.21
C ALA B 61 25.77 13.29 -2.24
N ASP B 62 25.90 12.06 -2.75
CA ASP B 62 26.92 11.69 -3.75
C ASP B 62 27.85 12.77 -4.33
N ASP B 63 29.12 12.72 -3.94
CA ASP B 63 30.16 13.63 -4.43
C ASP B 63 30.00 15.14 -4.25
N PHE B 64 28.83 15.61 -3.80
CA PHE B 64 28.64 17.05 -3.63
C PHE B 64 29.51 17.69 -2.55
N LYS B 65 29.96 16.91 -1.58
CA LYS B 65 30.80 17.39 -0.49
C LYS B 65 32.02 18.17 -0.97
N GLY B 66 32.54 17.80 -2.14
CA GLY B 66 33.71 18.46 -2.68
C GLY B 66 33.76 19.98 -2.71
N ARG B 67 33.09 20.58 -3.70
CA ARG B 67 33.11 22.03 -3.87
C ARG B 67 31.87 22.81 -3.44
N PHE B 68 30.86 22.12 -2.94
CA PHE B 68 29.63 22.78 -2.50
C PHE B 68 29.67 22.99 -0.98
N ALA B 69 29.13 24.11 -0.52
CA ALA B 69 29.13 24.40 0.90
C ALA B 69 27.85 25.12 1.31
N PHE B 70 27.22 24.63 2.37
CA PHE B 70 25.99 25.22 2.88
C PHE B 70 26.32 26.16 4.04
N SER B 71 25.58 27.26 4.16
CA SER B 71 25.77 28.19 5.27
C SER B 71 24.43 28.83 5.60
N LEU B 72 24.38 29.53 6.72
CA LEU B 72 23.15 30.18 7.17
C LEU B 72 23.37 31.56 7.79
N ASP B 73 22.29 32.31 7.87
CA ASP B 73 22.26 33.61 8.53
C ASP B 73 20.89 33.52 9.21
N THR B 74 20.88 32.92 10.40
CA THR B 74 19.64 32.73 11.14
C THR B 74 18.93 34.03 11.50
N SER B 75 19.68 35.10 11.73
CA SER B 75 19.06 36.37 12.07
C SER B 75 18.24 36.92 10.91
N THR B 76 18.63 36.56 9.68
CA THR B 76 17.90 37.03 8.51
C THR B 76 17.15 35.90 7.83
N SER B 77 17.04 34.77 8.53
CA SER B 77 16.35 33.59 8.02
C SER B 77 16.73 33.30 6.58
N THR B 78 18.03 33.26 6.31
CA THR B 78 18.51 32.99 4.97
C THR B 78 19.50 31.83 4.93
N ALA B 79 19.36 30.98 3.92
CA ALA B 79 20.25 29.85 3.74
C ALA B 79 21.07 30.15 2.51
N PHE B 80 22.31 29.67 2.45
CA PHE B 80 23.15 29.91 1.30
C PHE B 80 23.76 28.63 0.78
N LEU B 81 23.99 28.61 -0.53
CA LEU B 81 24.64 27.47 -1.17
C LEU B 81 25.79 28.12 -1.94
N GLN B 82 27.02 27.76 -1.61
CA GLN B 82 28.16 28.34 -2.31
C GLN B 82 28.87 27.27 -3.12
N ILE B 83 29.17 27.59 -4.37
CA ILE B 83 29.87 26.65 -5.22
C ILE B 83 31.22 27.27 -5.56
N ASN B 84 32.30 26.61 -5.17
CA ASN B 84 33.64 27.12 -5.46
C ASN B 84 34.20 26.41 -6.69
N ASN B 85 35.23 27.02 -7.29
CA ASN B 85 35.87 26.44 -8.46
C ASN B 85 34.83 25.96 -9.47
N LEU B 86 33.93 26.86 -9.86
CA LEU B 86 32.88 26.52 -10.80
C LEU B 86 33.35 25.76 -12.05
N LYS B 87 32.63 24.68 -12.35
CA LYS B 87 32.92 23.84 -13.50
C LYS B 87 31.71 23.82 -14.43
N ASN B 88 31.92 23.44 -15.69
CA ASN B 88 30.83 23.39 -16.65
C ASN B 88 29.69 22.50 -16.13
N GLU B 89 30.06 21.45 -15.41
CA GLU B 89 29.08 20.51 -14.88
C GLU B 89 28.10 21.13 -13.88
N ASP B 90 28.45 22.29 -13.34
CA ASP B 90 27.60 22.97 -12.36
C ASP B 90 26.44 23.74 -12.99
N THR B 91 26.48 23.89 -14.30
CA THR B 91 25.42 24.61 -15.00
C THR B 91 24.09 23.94 -14.69
N ALA B 92 23.20 24.69 -14.03
CA ALA B 92 21.89 24.16 -13.66
C ALA B 92 21.10 25.20 -12.90
N THR B 93 19.88 24.82 -12.52
CA THR B 93 19.04 25.71 -11.72
C THR B 93 19.00 25.04 -10.36
N TYR B 94 19.39 25.78 -9.33
CA TYR B 94 19.39 25.23 -7.98
C TYR B 94 18.20 25.69 -7.18
N PHE B 95 17.57 24.76 -6.49
CA PHE B 95 16.41 25.06 -5.66
C PHE B 95 16.65 24.80 -4.18
N CYS B 96 16.11 25.66 -3.32
CA CYS B 96 16.15 25.41 -1.89
C CYS B 96 14.72 24.89 -1.68
N VAL B 97 14.58 23.91 -0.80
CA VAL B 97 13.30 23.27 -0.57
C VAL B 97 13.13 22.95 0.91
N ARG B 98 11.90 23.09 1.41
CA ARG B 98 11.59 22.80 2.81
C ARG B 98 10.62 21.62 2.83
N ASP B 99 10.79 20.72 3.80
CA ASP B 99 9.91 19.56 3.89
C ASP B 99 8.70 19.80 4.78
N ARG B 100 7.84 18.79 4.86
CA ARG B 100 6.61 18.85 5.66
C ARG B 100 6.78 18.82 7.16
N HIS B 101 7.49 17.82 7.68
CA HIS B 101 7.67 17.70 9.12
C HIS B 101 9.13 17.63 9.58
N ASP B 102 10.04 18.13 8.74
CA ASP B 102 11.45 18.15 9.05
C ASP B 102 12.07 16.75 9.15
N TYR B 103 11.66 15.86 8.25
CA TYR B 103 12.19 14.50 8.22
C TYR B 103 12.81 14.21 6.85
N GLY B 104 12.78 15.22 5.97
CA GLY B 104 13.32 15.07 4.64
C GLY B 104 12.62 13.96 3.87
N GLU B 105 11.38 13.69 4.25
CA GLU B 105 10.59 12.64 3.62
C GLU B 105 9.64 13.15 2.55
N ILE B 106 9.15 14.38 2.73
CA ILE B 106 8.21 15.00 1.78
C ILE B 106 8.57 16.47 1.51
N PHE B 107 9.09 16.76 0.31
CA PHE B 107 9.45 18.14 -0.04
C PHE B 107 8.20 18.89 -0.45
N THR B 108 7.79 19.85 0.37
CA THR B 108 6.58 20.61 0.12
C THR B 108 6.78 21.98 -0.52
N TYR B 109 7.57 22.84 0.12
CA TYR B 109 7.79 24.20 -0.38
C TYR B 109 9.12 24.37 -1.11
N TRP B 110 9.06 24.97 -2.30
CA TRP B 110 10.23 25.20 -3.13
C TRP B 110 10.45 26.68 -3.44
N GLY B 111 11.71 27.10 -3.52
CA GLY B 111 12.01 28.47 -3.89
C GLY B 111 11.80 28.53 -5.40
N GLN B 112 11.93 29.70 -6.02
CA GLN B 112 11.71 29.80 -7.46
C GLN B 112 12.90 29.28 -8.27
N GLY B 113 13.99 28.95 -7.58
CA GLY B 113 15.16 28.45 -8.26
C GLY B 113 16.14 29.53 -8.72
N THR B 114 17.42 29.18 -8.75
CA THR B 114 18.45 30.12 -9.19
C THR B 114 19.27 29.45 -10.28
N THR B 115 19.18 29.98 -11.49
CA THR B 115 19.94 29.41 -12.61
C THR B 115 21.38 29.91 -12.63
N VAL B 116 22.32 28.97 -12.64
CA VAL B 116 23.75 29.31 -12.70
C VAL B 116 24.28 28.82 -14.04
N THR B 117 24.85 29.72 -14.82
CA THR B 117 25.39 29.36 -16.12
C THR B 117 26.89 29.62 -16.16
N VAL B 118 27.64 28.57 -16.48
CA VAL B 118 29.09 28.66 -16.58
C VAL B 118 29.43 28.75 -18.05
N SER B 119 29.96 29.91 -18.46
CA SER B 119 30.30 30.14 -19.86
C SER B 119 31.68 29.63 -20.26
N ALA B 120 32.28 30.30 -21.25
CA ALA B 120 33.60 29.93 -21.73
C ALA B 120 34.70 30.59 -20.92
N MET C 1 -20.91 -23.66 -2.75
CA MET C 1 -21.85 -24.35 -1.82
C MET C 1 -22.44 -25.61 -2.43
N ASP C 2 -22.81 -26.55 -1.56
CA ASP C 2 -23.43 -27.82 -1.95
C ASP C 2 -23.66 -28.61 -0.67
N ILE C 3 -22.62 -28.84 0.11
CA ILE C 3 -22.77 -29.52 1.37
C ILE C 3 -23.11 -28.41 2.36
N LEU C 4 -24.34 -28.44 2.85
CA LEU C 4 -24.79 -27.41 3.78
C LEU C 4 -24.37 -27.71 5.21
N MET C 5 -23.77 -26.70 5.83
CA MET C 5 -23.30 -26.77 7.21
C MET C 5 -24.25 -25.91 8.04
N THR C 6 -25.14 -26.55 8.80
CA THR C 6 -26.11 -25.84 9.63
C THR C 6 -25.53 -25.69 11.03
N GLN C 7 -25.16 -24.46 11.36
CA GLN C 7 -24.53 -24.13 12.63
C GLN C 7 -25.48 -23.45 13.61
N THR C 8 -25.51 -23.94 14.84
CA THR C 8 -26.37 -23.39 15.87
C THR C 8 -25.67 -23.37 17.22
N PRO C 9 -26.06 -22.43 18.10
CA PRO C 9 -27.10 -21.42 17.88
C PRO C 9 -26.54 -20.27 17.05
N LEU C 10 -27.41 -19.35 16.65
CA LEU C 10 -27.00 -18.20 15.85
C LEU C 10 -26.14 -17.22 16.64
N TYR C 11 -26.42 -17.11 17.94
CA TYR C 11 -25.67 -16.25 18.84
C TYR C 11 -25.81 -16.88 20.22
N LEU C 12 -24.80 -16.71 21.06
CA LEU C 12 -24.80 -17.31 22.37
C LEU C 12 -24.32 -16.38 23.47
N PRO C 13 -25.26 -15.82 24.24
CA PRO C 13 -24.98 -14.89 25.35
C PRO C 13 -24.57 -15.74 26.54
N VAL C 14 -23.39 -15.46 27.11
CA VAL C 14 -22.89 -16.20 28.25
C VAL C 14 -22.21 -15.24 29.22
N SER C 15 -22.02 -15.70 30.45
CA SER C 15 -21.32 -14.90 31.45
C SER C 15 -19.91 -15.48 31.44
N LEU C 16 -18.91 -14.66 31.72
CA LEU C 16 -17.55 -15.19 31.74
C LEU C 16 -17.49 -16.30 32.77
N GLY C 17 -16.81 -17.38 32.43
CA GLY C 17 -16.70 -18.50 33.33
C GLY C 17 -17.66 -19.62 33.00
N ASP C 18 -18.71 -19.32 32.23
CA ASP C 18 -19.68 -20.34 31.84
C ASP C 18 -19.13 -21.26 30.77
N GLN C 19 -19.77 -22.42 30.62
CA GLN C 19 -19.37 -23.37 29.60
C GLN C 19 -20.18 -23.00 28.36
N ALA C 20 -19.69 -23.33 27.18
CA ALA C 20 -20.40 -23.02 25.95
C ALA C 20 -20.32 -24.16 24.95
N SER C 21 -21.37 -24.33 24.16
CA SER C 21 -21.43 -25.39 23.16
C SER C 21 -21.99 -24.89 21.84
N ILE C 22 -21.30 -25.22 20.76
CA ILE C 22 -21.73 -24.82 19.43
C ILE C 22 -21.86 -26.06 18.55
N SER C 23 -22.96 -26.14 17.81
CA SER C 23 -23.22 -27.29 16.95
C SER C 23 -23.10 -27.01 15.45
N CYS C 24 -22.89 -28.07 14.68
CA CYS C 24 -22.75 -27.97 13.24
C CYS C 24 -23.15 -29.32 12.66
N ARG C 25 -24.12 -29.33 11.76
CA ARG C 25 -24.55 -30.58 11.13
C ARG C 25 -24.40 -30.43 9.62
N SER C 26 -23.84 -31.45 8.98
CA SER C 26 -23.64 -31.42 7.53
C SER C 26 -24.81 -32.12 6.81
N SER C 27 -25.17 -31.61 5.63
CA SER C 27 -26.27 -32.19 4.86
C SER C 27 -25.87 -33.52 4.22
N GLN C 28 -24.57 -33.80 4.22
CA GLN C 28 -24.03 -35.03 3.67
C GLN C 28 -22.80 -35.40 4.47
N THR C 29 -22.27 -36.60 4.25
CA THR C 29 -21.07 -37.02 4.98
C THR C 29 -19.91 -36.22 4.41
N ILE C 30 -18.93 -35.94 5.26
CA ILE C 30 -17.77 -35.15 4.85
C ILE C 30 -16.46 -35.91 5.02
N VAL C 31 -16.37 -37.09 4.43
CA VAL C 31 -15.15 -37.86 4.52
C VAL C 31 -14.43 -37.65 3.20
N HIS C 32 -13.17 -37.21 3.27
CA HIS C 32 -12.38 -36.96 2.07
C HIS C 32 -11.98 -38.32 1.46
N ASN C 33 -11.62 -38.32 0.19
CA ASN C 33 -11.24 -39.56 -0.48
C ASN C 33 -10.11 -40.28 0.24
N ASN C 34 -9.32 -39.54 1.01
CA ASN C 34 -8.21 -40.16 1.73
C ASN C 34 -8.63 -40.69 3.10
N GLY C 35 -9.93 -40.65 3.38
CA GLY C 35 -10.42 -41.17 4.65
C GLY C 35 -10.49 -40.20 5.82
N ASN C 36 -9.89 -39.02 5.68
CA ASN C 36 -9.91 -38.02 6.75
C ASN C 36 -11.13 -37.11 6.66
N THR C 37 -11.60 -36.65 7.82
CA THR C 37 -12.74 -35.74 7.88
C THR C 37 -12.19 -34.37 8.21
N TYR C 38 -12.12 -33.49 7.22
CA TYR C 38 -11.58 -32.16 7.41
C TYR C 38 -12.61 -31.15 7.91
N LEU C 39 -13.08 -31.37 9.13
CA LEU C 39 -14.03 -30.48 9.77
C LEU C 39 -13.19 -29.58 10.68
N GLU C 40 -13.25 -28.28 10.45
CA GLU C 40 -12.49 -27.33 11.24
C GLU C 40 -13.38 -26.32 11.93
N TRP C 41 -12.86 -25.74 13.01
CA TRP C 41 -13.56 -24.70 13.74
C TRP C 41 -12.66 -23.47 13.73
N TYR C 42 -13.25 -22.32 13.39
CA TYR C 42 -12.52 -21.05 13.34
C TYR C 42 -13.17 -20.06 14.27
N LEU C 43 -12.39 -19.09 14.71
CA LEU C 43 -12.87 -18.03 15.59
C LEU C 43 -12.40 -16.71 15.01
N GLN C 44 -13.32 -15.77 14.80
CA GLN C 44 -12.88 -14.47 14.33
C GLN C 44 -13.15 -13.47 15.44
N LYS C 45 -12.09 -13.06 16.13
CA LYS C 45 -12.22 -12.08 17.18
C LYS C 45 -12.48 -10.73 16.53
N PRO C 46 -13.20 -9.85 17.23
CA PRO C 46 -13.52 -8.52 16.69
C PRO C 46 -12.32 -7.81 16.05
N GLY C 47 -12.47 -7.47 14.77
CA GLY C 47 -11.42 -6.77 14.04
C GLY C 47 -10.12 -7.51 13.80
N GLN C 48 -10.17 -8.84 13.78
CA GLN C 48 -8.96 -9.62 13.56
C GLN C 48 -9.14 -10.68 12.47
N SER C 49 -8.03 -11.21 11.97
CA SER C 49 -8.10 -12.25 10.95
C SER C 49 -8.69 -13.47 11.63
N PRO C 50 -9.60 -14.20 10.95
CA PRO C 50 -10.16 -15.40 11.59
C PRO C 50 -8.98 -16.32 11.89
N GLN C 51 -9.08 -17.16 12.90
CA GLN C 51 -8.00 -18.05 13.26
C GLN C 51 -8.47 -19.49 13.45
N LEU C 52 -7.61 -20.43 13.07
CA LEU C 52 -7.92 -21.85 13.19
C LEU C 52 -7.86 -22.27 14.65
N LEU C 53 -8.84 -23.05 15.08
CA LEU C 53 -8.86 -23.53 16.47
C LEU C 53 -8.76 -25.04 16.51
N ILE C 54 -9.61 -25.70 15.72
CA ILE C 54 -9.68 -27.15 15.67
C ILE C 54 -9.66 -27.61 14.22
N TYR C 55 -8.92 -28.67 13.93
CA TYR C 55 -8.88 -29.22 12.57
C TYR C 55 -9.09 -30.75 12.62
N LYS C 56 -9.56 -31.33 11.53
CA LYS C 56 -9.83 -32.76 11.50
C LYS C 56 -10.64 -33.19 12.74
N VAL C 57 -11.75 -32.49 12.94
CA VAL C 57 -12.71 -32.75 14.02
C VAL C 57 -12.33 -32.45 15.47
N SER C 58 -11.21 -32.99 15.94
CA SER C 58 -10.84 -32.81 17.33
C SER C 58 -9.40 -32.39 17.60
N ASN C 59 -8.66 -32.04 16.56
CA ASN C 59 -7.27 -31.65 16.75
C ASN C 59 -7.08 -30.15 17.00
N ARG C 60 -6.50 -29.82 18.14
CA ARG C 60 -6.24 -28.43 18.48
C ARG C 60 -5.05 -27.88 17.71
N PHE C 61 -5.22 -26.70 17.13
CA PHE C 61 -4.14 -26.07 16.38
C PHE C 61 -3.13 -25.54 17.39
N SER C 62 -1.87 -25.41 16.98
CA SER C 62 -0.83 -24.92 17.89
C SER C 62 -1.24 -23.62 18.58
N GLY C 63 -0.97 -23.56 19.88
CA GLY C 63 -1.28 -22.37 20.67
C GLY C 63 -2.69 -22.25 21.20
N VAL C 64 -3.58 -23.13 20.75
CA VAL C 64 -4.98 -23.10 21.17
C VAL C 64 -5.15 -23.70 22.57
N PRO C 65 -5.83 -22.98 23.48
CA PRO C 65 -6.05 -23.46 24.85
C PRO C 65 -6.85 -24.75 24.89
N ASP C 66 -6.61 -25.57 25.91
CA ASP C 66 -7.33 -26.84 26.02
C ASP C 66 -8.78 -26.66 26.42
N ARG C 67 -9.18 -25.42 26.70
CA ARG C 67 -10.57 -25.12 27.09
C ARG C 67 -11.47 -25.39 25.87
N PHE C 68 -10.88 -25.35 24.69
CA PHE C 68 -11.62 -25.60 23.44
C PHE C 68 -11.44 -27.05 23.06
N SER C 69 -12.54 -27.73 22.75
CA SER C 69 -12.46 -29.12 22.33
C SER C 69 -13.48 -29.37 21.23
N GLY C 70 -13.11 -30.25 20.31
CA GLY C 70 -14.00 -30.59 19.21
C GLY C 70 -14.30 -32.07 19.20
N SER C 71 -15.50 -32.42 18.75
CA SER C 71 -15.92 -33.81 18.69
C SER C 71 -16.98 -33.97 17.61
N GLY C 72 -17.40 -35.21 17.38
CA GLY C 72 -18.43 -35.44 16.38
C GLY C 72 -18.09 -36.54 15.40
N SER C 73 -19.11 -37.00 14.69
CA SER C 73 -18.93 -38.05 13.70
C SER C 73 -20.08 -38.03 12.71
N GLY C 74 -19.87 -38.65 11.56
CA GLY C 74 -20.88 -38.70 10.54
C GLY C 74 -21.27 -37.33 10.02
N THR C 75 -22.37 -36.79 10.55
CA THR C 75 -22.86 -35.49 10.12
C THR C 75 -23.16 -34.58 11.30
N ASP C 76 -22.62 -34.91 12.47
CA ASP C 76 -22.85 -34.12 13.67
C ASP C 76 -21.54 -33.79 14.38
N PHE C 77 -21.23 -32.49 14.50
CA PHE C 77 -20.00 -32.07 15.14
C PHE C 77 -20.24 -30.98 16.17
N THR C 78 -19.41 -30.97 17.22
CA THR C 78 -19.58 -29.99 18.28
C THR C 78 -18.28 -29.37 18.77
N LEU C 79 -18.33 -28.08 19.08
CA LEU C 79 -17.18 -27.36 19.62
C LEU C 79 -17.59 -26.96 21.02
N LYS C 80 -16.77 -27.28 22.00
CA LYS C 80 -17.08 -26.93 23.38
C LYS C 80 -16.01 -26.06 24.01
N ILE C 81 -16.45 -25.11 24.83
CA ILE C 81 -15.54 -24.22 25.55
C ILE C 81 -15.86 -24.48 27.02
N SER C 82 -14.96 -25.14 27.73
CA SER C 82 -15.20 -25.46 29.14
C SER C 82 -15.53 -24.26 30.02
N ARG C 83 -14.75 -23.19 29.85
CA ARG C 83 -14.95 -21.96 30.61
C ARG C 83 -14.62 -20.79 29.69
N VAL C 84 -15.63 -20.02 29.32
CA VAL C 84 -15.43 -18.87 28.43
C VAL C 84 -14.65 -17.77 29.14
N GLU C 85 -13.66 -17.23 28.44
CA GLU C 85 -12.85 -16.14 28.97
C GLU C 85 -13.05 -14.91 28.10
N ALA C 86 -12.71 -13.74 28.63
CA ALA C 86 -12.88 -12.50 27.91
C ALA C 86 -12.31 -12.53 26.50
N GLU C 87 -11.15 -13.16 26.32
CA GLU C 87 -10.51 -13.18 25.01
C GLU C 87 -11.13 -14.15 24.01
N ASP C 88 -12.15 -14.90 24.43
CA ASP C 88 -12.78 -15.86 23.52
C ASP C 88 -13.97 -15.29 22.78
N LEU C 89 -14.35 -14.06 23.07
CA LEU C 89 -15.50 -13.47 22.40
C LEU C 89 -15.26 -13.26 20.91
N GLY C 90 -16.28 -13.51 20.11
CA GLY C 90 -16.17 -13.34 18.68
C GLY C 90 -17.14 -14.21 17.93
N ILE C 91 -16.87 -14.43 16.65
CA ILE C 91 -17.73 -15.26 15.84
C ILE C 91 -17.03 -16.57 15.53
N TYR C 92 -17.69 -17.67 15.87
CA TYR C 92 -17.15 -19.00 15.60
C TYR C 92 -17.77 -19.57 14.33
N TYR C 93 -17.01 -20.37 13.59
CA TYR C 93 -17.47 -20.97 12.35
C TYR C 93 -16.99 -22.41 12.19
N CYS C 94 -17.86 -23.29 11.70
CA CYS C 94 -17.40 -24.64 11.40
C CYS C 94 -17.12 -24.61 9.90
N PHE C 95 -16.37 -25.58 9.42
CA PHE C 95 -16.00 -25.59 8.00
C PHE C 95 -15.64 -27.01 7.58
N GLN C 96 -15.97 -27.39 6.35
CA GLN C 96 -15.59 -28.70 5.86
C GLN C 96 -14.78 -28.49 4.60
N GLY C 97 -13.66 -29.18 4.50
CA GLY C 97 -12.81 -29.08 3.33
C GLY C 97 -12.60 -30.46 2.76
N SER C 98 -13.59 -31.33 2.95
CA SER C 98 -13.52 -32.70 2.47
C SER C 98 -14.06 -32.84 1.04
N HIS C 99 -15.06 -32.02 0.70
CA HIS C 99 -15.66 -32.06 -0.62
C HIS C 99 -15.75 -30.67 -1.23
N PHE C 100 -15.51 -30.56 -2.53
CA PHE C 100 -15.57 -29.28 -3.20
C PHE C 100 -16.99 -28.94 -3.63
N PRO C 101 -17.42 -27.69 -3.39
CA PRO C 101 -16.62 -26.62 -2.76
C PRO C 101 -16.62 -26.68 -1.24
N PRO C 102 -15.52 -26.24 -0.61
CA PRO C 102 -15.47 -26.26 0.86
C PRO C 102 -16.57 -25.30 1.33
N THR C 103 -17.25 -25.67 2.41
CA THR C 103 -18.34 -24.85 2.91
C THR C 103 -18.25 -24.51 4.39
N PHE C 104 -18.90 -23.40 4.77
CA PHE C 104 -18.89 -22.90 6.14
C PHE C 104 -20.26 -22.86 6.80
N GLY C 105 -20.27 -22.94 8.13
CA GLY C 105 -21.50 -22.81 8.88
C GLY C 105 -21.80 -21.32 8.86
N GLY C 106 -23.02 -20.93 9.24
CA GLY C 106 -23.37 -19.52 9.21
C GLY C 106 -22.77 -18.65 10.28
N GLY C 107 -22.03 -19.26 11.21
CA GLY C 107 -21.41 -18.50 12.27
C GLY C 107 -22.22 -18.45 13.55
N THR C 108 -21.53 -18.36 14.68
CA THR C 108 -22.16 -18.26 15.99
C THR C 108 -21.46 -17.13 16.74
N LYS C 109 -22.24 -16.14 17.15
CA LYS C 109 -21.68 -15.00 17.87
C LYS C 109 -21.67 -15.24 19.37
N LEU C 110 -20.49 -15.49 19.94
CA LEU C 110 -20.35 -15.70 21.37
C LEU C 110 -20.22 -14.30 21.96
N GLU C 111 -21.16 -13.92 22.82
CA GLU C 111 -21.16 -12.60 23.43
C GLU C 111 -21.39 -12.63 24.94
N ILE C 112 -21.06 -11.54 25.61
CA ILE C 112 -21.22 -11.44 27.06
C ILE C 112 -22.67 -11.14 27.46
N ALA C 113 -23.03 -11.55 28.67
CA ALA C 113 -24.37 -11.34 29.21
C ALA C 113 -25.40 -12.14 28.43
N GLU D 1 4.96 -17.46 11.64
CA GLU D 1 5.27 -16.03 11.32
C GLU D 1 4.51 -15.59 10.08
N VAL D 2 3.74 -16.52 9.50
CA VAL D 2 2.98 -16.25 8.29
C VAL D 2 2.00 -15.10 8.47
N GLN D 3 2.00 -14.19 7.50
CA GLN D 3 1.13 -13.03 7.52
C GLN D 3 0.53 -12.75 6.15
N LEU D 4 -0.78 -12.49 6.12
CA LEU D 4 -1.47 -12.13 4.88
C LEU D 4 -2.05 -10.74 5.15
N GLN D 5 -1.57 -9.75 4.41
CA GLN D 5 -2.02 -8.37 4.59
C GLN D 5 -2.84 -7.88 3.41
N GLN D 6 -4.10 -7.53 3.68
CA GLN D 6 -4.99 -7.06 2.63
C GLN D 6 -5.14 -5.53 2.58
N SER D 7 -5.64 -5.04 1.45
CA SER D 7 -5.83 -3.61 1.25
C SER D 7 -7.01 -3.05 2.05
N GLY D 8 -7.15 -1.73 2.04
CA GLY D 8 -8.21 -1.08 2.78
C GLY D 8 -9.61 -1.16 2.22
N PRO D 9 -10.61 -0.68 2.96
CA PRO D 9 -12.01 -0.70 2.53
C PRO D 9 -12.30 0.13 1.29
N GLU D 10 -13.28 -0.30 0.52
CA GLU D 10 -13.66 0.40 -0.70
C GLU D 10 -15.17 0.64 -0.81
N LEU D 11 -15.54 1.85 -1.18
CA LEU D 11 -16.93 2.22 -1.38
C LEU D 11 -17.04 2.46 -2.89
N LYS D 12 -17.90 1.71 -3.55
CA LYS D 12 -18.07 1.84 -4.99
C LYS D 12 -19.52 1.92 -5.40
N LYS D 13 -19.75 2.38 -6.62
CA LYS D 13 -21.10 2.49 -7.16
C LYS D 13 -21.35 1.25 -8.01
N PRO D 14 -22.62 0.82 -8.12
CA PRO D 14 -22.91 -0.36 -8.94
C PRO D 14 -22.36 -0.22 -10.35
N GLY D 15 -21.79 -1.30 -10.87
CA GLY D 15 -21.24 -1.27 -12.21
C GLY D 15 -19.77 -0.91 -12.27
N GLU D 16 -19.24 -0.38 -11.17
CA GLU D 16 -17.84 -0.01 -11.14
C GLU D 16 -16.97 -1.23 -10.86
N THR D 17 -15.66 -0.99 -10.72
CA THR D 17 -14.73 -2.08 -10.46
C THR D 17 -13.96 -1.82 -9.17
N VAL D 18 -13.51 -2.91 -8.55
CA VAL D 18 -12.72 -2.82 -7.33
C VAL D 18 -11.67 -3.91 -7.39
N LYS D 19 -10.45 -3.58 -6.98
CA LYS D 19 -9.37 -4.55 -6.99
C LYS D 19 -8.77 -4.63 -5.59
N ILE D 20 -8.89 -5.81 -4.99
CA ILE D 20 -8.40 -6.07 -3.64
C ILE D 20 -7.06 -6.81 -3.66
N SER D 21 -6.13 -6.38 -2.83
CA SER D 21 -4.82 -7.04 -2.79
C SER D 21 -4.61 -7.82 -1.50
N CYS D 22 -3.72 -8.81 -1.57
CA CYS D 22 -3.40 -9.64 -0.41
C CYS D 22 -1.92 -9.97 -0.49
N LYS D 23 -1.13 -9.34 0.37
CA LYS D 23 0.32 -9.56 0.35
C LYS D 23 0.73 -10.63 1.33
N ALA D 24 1.51 -11.61 0.84
CA ALA D 24 1.95 -12.72 1.67
C ALA D 24 3.38 -12.55 2.15
N THR D 25 3.59 -12.83 3.43
CA THR D 25 4.91 -12.76 4.02
C THR D 25 5.25 -14.01 4.81
N ASN D 26 6.54 -14.35 4.78
CA ASN D 26 7.11 -15.48 5.50
C ASN D 26 6.86 -16.93 5.08
N TYR D 27 6.54 -17.12 3.80
CA TYR D 27 6.40 -18.45 3.23
C TYR D 27 6.61 -18.25 1.74
N ALA D 28 6.97 -19.30 1.03
CA ALA D 28 7.21 -19.21 -0.41
C ALA D 28 5.86 -19.06 -1.11
N PHE D 29 5.61 -17.84 -1.57
CA PHE D 29 4.37 -17.45 -2.24
C PHE D 29 3.83 -18.41 -3.30
N THR D 30 4.69 -18.89 -4.19
CA THR D 30 4.25 -19.78 -5.25
C THR D 30 4.19 -21.25 -4.87
N ASP D 31 4.35 -21.55 -3.59
CA ASP D 31 4.28 -22.94 -3.14
C ASP D 31 2.90 -23.27 -2.61
N TYR D 32 2.06 -22.24 -2.45
CA TYR D 32 0.70 -22.42 -1.95
C TYR D 32 -0.30 -21.59 -2.73
N SER D 33 -1.44 -22.20 -3.07
CA SER D 33 -2.47 -21.47 -3.78
C SER D 33 -3.03 -20.40 -2.84
N MET D 34 -3.72 -19.41 -3.39
CA MET D 34 -4.35 -18.39 -2.54
C MET D 34 -5.86 -18.60 -2.69
N HIS D 35 -6.57 -18.73 -1.57
CA HIS D 35 -8.01 -18.91 -1.61
C HIS D 35 -8.69 -17.60 -1.26
N TRP D 36 -9.94 -17.44 -1.69
CA TRP D 36 -10.71 -16.24 -1.38
C TRP D 36 -12.06 -16.64 -0.82
N VAL D 37 -12.51 -15.89 0.18
CA VAL D 37 -13.77 -16.17 0.87
C VAL D 37 -14.56 -14.89 1.04
N LYS D 38 -15.88 -14.98 0.85
CA LYS D 38 -16.76 -13.81 0.99
C LYS D 38 -17.56 -13.91 2.29
N GLN D 39 -17.55 -12.84 3.06
CA GLN D 39 -18.28 -12.78 4.33
C GLN D 39 -19.39 -11.75 4.15
N ALA D 40 -20.61 -12.24 3.99
CA ALA D 40 -21.78 -11.37 3.77
C ALA D 40 -22.21 -10.66 5.05
N PRO D 41 -22.97 -9.56 4.90
CA PRO D 41 -23.42 -8.87 6.11
C PRO D 41 -24.20 -9.91 6.90
N GLY D 42 -24.05 -9.93 8.21
CA GLY D 42 -24.74 -10.93 9.00
C GLY D 42 -23.77 -12.03 9.37
N GLY D 43 -22.64 -12.07 8.67
CA GLY D 43 -21.60 -13.04 8.96
C GLY D 43 -21.42 -14.31 8.14
N ASP D 44 -22.37 -14.66 7.26
CA ASP D 44 -22.23 -15.89 6.49
C ASP D 44 -20.97 -15.90 5.64
N LEU D 45 -20.32 -17.06 5.55
CA LEU D 45 -19.08 -17.21 4.75
C LEU D 45 -19.31 -18.09 3.53
N LYS D 46 -18.84 -17.62 2.38
CA LYS D 46 -18.98 -18.37 1.13
C LYS D 46 -17.64 -18.44 0.40
N TYR D 47 -17.27 -19.63 -0.06
CA TYR D 47 -16.02 -19.83 -0.80
C TYR D 47 -16.13 -19.24 -2.20
N VAL D 48 -15.18 -18.40 -2.59
CA VAL D 48 -15.16 -17.78 -3.91
C VAL D 48 -14.37 -18.62 -4.91
N GLY D 49 -13.19 -19.07 -4.50
CA GLY D 49 -12.35 -19.87 -5.37
C GLY D 49 -10.90 -19.75 -4.98
N TRP D 50 -10.01 -20.14 -5.89
CA TRP D 50 -8.58 -20.04 -5.61
C TRP D 50 -7.77 -19.83 -6.87
N ILE D 51 -6.53 -19.39 -6.70
CA ILE D 51 -5.66 -19.18 -7.84
C ILE D 51 -4.42 -20.02 -7.58
N ASN D 52 -3.95 -20.69 -8.62
CA ASN D 52 -2.74 -21.50 -8.51
C ASN D 52 -1.65 -20.45 -8.70
N THR D 53 -0.80 -20.28 -7.69
CA THR D 53 0.22 -19.26 -7.74
C THR D 53 1.45 -19.65 -8.56
N GLU D 54 1.44 -20.84 -9.12
CA GLU D 54 2.56 -21.29 -9.93
C GLU D 54 2.18 -21.12 -11.39
N THR D 55 0.94 -21.47 -11.72
CA THR D 55 0.47 -21.40 -13.10
C THR D 55 -0.43 -20.20 -13.37
N ASP D 56 -0.86 -19.53 -12.30
CA ASP D 56 -1.75 -18.37 -12.40
C ASP D 56 -3.15 -18.77 -12.87
N GLU D 57 -3.45 -20.06 -12.84
CA GLU D 57 -4.75 -20.56 -13.27
C GLU D 57 -5.79 -20.35 -12.17
N PRO D 58 -6.90 -19.67 -12.50
CA PRO D 58 -7.93 -19.43 -11.48
C PRO D 58 -9.04 -20.47 -11.54
N THR D 59 -9.61 -20.79 -10.38
CA THR D 59 -10.72 -21.73 -10.29
C THR D 59 -11.75 -21.09 -9.37
N PHE D 60 -12.96 -20.90 -9.88
CA PHE D 60 -14.03 -20.26 -9.13
C PHE D 60 -15.12 -21.24 -8.74
N ALA D 61 -15.73 -20.97 -7.59
CA ALA D 61 -16.87 -21.78 -7.13
C ALA D 61 -17.95 -21.30 -8.12
N ASP D 62 -18.88 -22.18 -8.48
CA ASP D 62 -19.92 -21.84 -9.46
C ASP D 62 -20.58 -20.46 -9.42
N ASP D 63 -20.89 -19.94 -8.24
CA ASP D 63 -21.54 -18.64 -8.16
C ASP D 63 -20.65 -17.40 -8.32
N PHE D 64 -19.39 -17.60 -8.73
CA PHE D 64 -18.47 -16.46 -8.87
C PHE D 64 -17.75 -16.36 -10.21
N LYS D 65 -17.98 -17.34 -11.09
CA LYS D 65 -17.34 -17.38 -12.40
C LYS D 65 -17.21 -16.05 -13.16
N GLY D 66 -18.35 -15.54 -13.63
CA GLY D 66 -18.40 -14.33 -14.43
C GLY D 66 -17.77 -12.98 -14.10
N ARG D 67 -18.11 -12.38 -12.96
CA ARG D 67 -17.58 -11.06 -12.64
C ARG D 67 -16.36 -10.97 -11.73
N PHE D 68 -15.93 -12.11 -11.20
CA PHE D 68 -14.76 -12.12 -10.33
C PHE D 68 -13.52 -12.52 -11.12
N ALA D 69 -12.38 -11.93 -10.77
CA ALA D 69 -11.14 -12.24 -11.47
C ALA D 69 -9.99 -12.36 -10.47
N PHE D 70 -9.16 -13.39 -10.63
CA PHE D 70 -8.00 -13.58 -9.75
C PHE D 70 -6.74 -13.26 -10.54
N SER D 71 -5.75 -12.68 -9.88
CA SER D 71 -4.49 -12.37 -10.55
C SER D 71 -3.41 -12.30 -9.48
N LEU D 72 -2.17 -12.12 -9.90
CA LEU D 72 -1.10 -12.05 -8.91
C LEU D 72 0.09 -11.28 -9.43
N ASP D 73 0.97 -10.92 -8.51
CA ASP D 73 2.18 -10.17 -8.82
C ASP D 73 3.27 -10.86 -7.99
N THR D 74 4.08 -11.70 -8.63
CA THR D 74 5.14 -12.38 -7.91
C THR D 74 6.21 -11.41 -7.39
N SER D 75 6.38 -10.28 -8.05
CA SER D 75 7.37 -9.30 -7.60
C SER D 75 7.02 -8.76 -6.22
N THR D 76 5.72 -8.72 -5.93
CA THR D 76 5.27 -8.21 -4.64
C THR D 76 4.61 -9.30 -3.78
N SER D 77 4.75 -10.55 -4.19
CA SER D 77 4.17 -11.68 -3.46
C SER D 77 2.73 -11.34 -3.09
N THR D 78 2.00 -10.77 -4.05
CA THR D 78 0.63 -10.35 -3.81
C THR D 78 -0.39 -11.01 -4.73
N ALA D 79 -1.53 -11.39 -4.16
CA ALA D 79 -2.61 -11.98 -4.93
C ALA D 79 -3.71 -10.91 -4.97
N PHE D 80 -4.45 -10.86 -6.06
CA PHE D 80 -5.53 -9.89 -6.22
C PHE D 80 -6.85 -10.54 -6.54
N LEU D 81 -7.93 -9.91 -6.10
CA LEU D 81 -9.28 -10.34 -6.40
C LEU D 81 -9.91 -9.08 -6.95
N GLN D 82 -10.35 -9.11 -8.20
CA GLN D 82 -10.98 -7.94 -8.78
C GLN D 82 -12.43 -8.29 -9.01
N ILE D 83 -13.32 -7.36 -8.66
CA ILE D 83 -14.74 -7.57 -8.88
C ILE D 83 -15.16 -6.54 -9.92
N ASN D 84 -15.63 -7.04 -11.06
CA ASN D 84 -16.06 -6.19 -12.17
C ASN D 84 -17.58 -6.07 -12.20
N ASN D 85 -18.06 -4.96 -12.76
CA ASN D 85 -19.50 -4.71 -12.85
C ASN D 85 -20.16 -4.97 -11.50
N LEU D 86 -19.71 -4.25 -10.48
CA LEU D 86 -20.24 -4.43 -9.13
C LEU D 86 -21.76 -4.40 -9.04
N LYS D 87 -22.29 -5.41 -8.37
CA LYS D 87 -23.72 -5.53 -8.14
C LYS D 87 -23.97 -5.36 -6.64
N ASN D 88 -25.20 -5.04 -6.27
CA ASN D 88 -25.53 -4.85 -4.87
C ASN D 88 -25.14 -6.04 -4.00
N GLU D 89 -25.30 -7.24 -4.54
CA GLU D 89 -25.00 -8.48 -3.83
C GLU D 89 -23.54 -8.68 -3.47
N ASP D 90 -22.65 -7.86 -4.06
CA ASP D 90 -21.23 -7.99 -3.79
C ASP D 90 -20.80 -7.38 -2.46
N THR D 91 -21.70 -6.64 -1.83
CA THR D 91 -21.41 -6.03 -0.55
C THR D 91 -21.02 -7.10 0.45
N ALA D 92 -19.80 -7.00 0.96
CA ALA D 92 -19.30 -7.99 1.91
C ALA D 92 -17.84 -7.70 2.23
N THR D 93 -17.28 -8.53 3.11
CA THR D 93 -15.88 -8.41 3.47
C THR D 93 -15.21 -9.61 2.80
N TYR D 94 -14.13 -9.36 2.08
CA TYR D 94 -13.45 -10.44 1.36
C TYR D 94 -12.13 -10.82 2.03
N PHE D 95 -11.92 -12.11 2.20
CA PHE D 95 -10.70 -12.62 2.83
C PHE D 95 -9.89 -13.48 1.91
N CYS D 96 -8.57 -13.34 1.98
CA CYS D 96 -7.70 -14.23 1.23
C CYS D 96 -7.25 -15.20 2.32
N VAL D 97 -7.01 -16.44 1.95
CA VAL D 97 -6.66 -17.44 2.94
C VAL D 97 -5.67 -18.43 2.35
N ARG D 98 -4.72 -18.89 3.18
CA ARG D 98 -3.75 -19.87 2.72
C ARG D 98 -4.03 -21.13 3.53
N ASP D 99 -3.98 -22.29 2.89
CA ASP D 99 -4.27 -23.52 3.62
C ASP D 99 -3.01 -24.10 4.25
N ARG D 100 -3.16 -25.30 4.80
CA ARG D 100 -2.08 -25.98 5.49
C ARG D 100 -1.01 -26.66 4.63
N HIS D 101 -1.43 -27.56 3.74
CA HIS D 101 -0.49 -28.30 2.90
C HIS D 101 -0.73 -28.16 1.41
N ASP D 102 -1.44 -27.11 1.02
CA ASP D 102 -1.72 -26.82 -0.38
C ASP D 102 -2.70 -27.80 -1.04
N TYR D 103 -3.61 -28.35 -0.25
CA TYR D 103 -4.62 -29.30 -0.73
C TYR D 103 -6.04 -28.73 -0.61
N GLY D 104 -6.13 -27.51 -0.08
CA GLY D 104 -7.41 -26.87 0.10
C GLY D 104 -8.30 -27.58 1.12
N GLU D 105 -7.67 -28.35 2.01
CA GLU D 105 -8.43 -29.12 3.01
C GLU D 105 -8.59 -28.39 4.34
N ILE D 106 -7.54 -27.68 4.76
CA ILE D 106 -7.54 -26.96 6.03
C ILE D 106 -7.04 -25.53 5.82
N PHE D 107 -7.93 -24.55 5.92
CA PHE D 107 -7.53 -23.15 5.76
C PHE D 107 -6.80 -22.82 7.05
N THR D 108 -5.59 -22.29 6.95
CA THR D 108 -4.84 -22.01 8.16
C THR D 108 -4.56 -20.55 8.45
N TYR D 109 -4.06 -19.82 7.46
CA TYR D 109 -3.74 -18.41 7.66
C TYR D 109 -4.68 -17.50 6.88
N TRP D 110 -5.31 -16.56 7.58
CA TRP D 110 -6.25 -15.63 6.96
C TRP D 110 -5.79 -14.19 6.96
N GLY D 111 -6.15 -13.45 5.91
CA GLY D 111 -5.85 -12.04 5.86
C GLY D 111 -6.87 -11.38 6.79
N GLN D 112 -6.75 -10.09 7.05
CA GLN D 112 -7.69 -9.43 7.97
C GLN D 112 -9.01 -9.01 7.33
N GLY D 113 -9.14 -9.25 6.03
CA GLY D 113 -10.36 -8.90 5.33
C GLY D 113 -10.39 -7.50 4.77
N THR D 114 -11.08 -7.35 3.64
CA THR D 114 -11.27 -6.09 2.94
C THR D 114 -12.75 -5.94 2.72
N THR D 115 -13.33 -4.89 3.27
CA THR D 115 -14.76 -4.66 3.14
C THR D 115 -15.06 -3.82 1.90
N VAL D 116 -15.93 -4.36 1.05
CA VAL D 116 -16.35 -3.68 -0.17
C VAL D 116 -17.82 -3.36 -0.05
N THR D 117 -18.14 -2.08 -0.17
CA THR D 117 -19.52 -1.63 -0.07
C THR D 117 -19.99 -1.10 -1.42
N VAL D 118 -21.12 -1.62 -1.88
CA VAL D 118 -21.70 -1.19 -3.15
C VAL D 118 -22.92 -0.34 -2.86
N SER D 119 -22.83 0.95 -3.18
CA SER D 119 -23.94 1.88 -2.95
C SER D 119 -24.99 1.74 -4.05
CL CL E . 9.22 15.56 6.04
CL CL F . -4.55 -28.18 3.01
#